data_5H4R
#
_entry.id   5H4R
#
_cell.length_a   62.581
_cell.length_b   76.315
_cell.length_c   95.611
_cell.angle_alpha   90.000
_cell.angle_beta   90.000
_cell.angle_gamma   90.000
#
_symmetry.space_group_name_H-M   'P 21 21 21'
#
loop_
_entity.id
_entity.type
_entity.pdbx_description
1 polymer Beta-1,3-1,4-glucanase
2 branched beta-D-glucopyranose-(1-4)-beta-D-glucopyranose-(1-4)-beta-D-glucopyranose-(1-4)-beta-D-glucopyranose
3 non-polymer GLYCEROL
4 water water
#
_entity_poly.entity_id   1
_entity_poly.type   'polypeptide(L)'
_entity_poly.pdbx_seq_one_letter_code
;MRGSHHHHHHGMASLNRESSNRAKIPEIKIASRKIPNNAALKFVKDMKIGWNLGNTFDAAFENPSFDDELLYETAWCGVK
TTKQMIDTVKKAGFNTIRIPVSWHNHVTGSNFTISKRWLDRVQQVVDYAMKNKMYVIINIHHDIMPGYYYPNSQHLQTSI
KYVKSIWTQVATRFKNYNDHLIFEAVNQPRLTGSRFEWWLDMNNPECRDAVEAINKLNQVFVDTVRSTGGNNVSRYLMVP
GYAAAPEYVLIDEFKIPKDSSKYKNRIIISVHAYRPYNFALQAPNESGSVSEWSVNSEESRRDIDYFMDKLYDKFVSKGI
PVVIGEFGARDKNGNLQSRVEFAAYYVRAARARGITCCWWDNNAFYGNGENFGLLDRKTLKWVYPEIVSAMMKYAR
;
_entity_poly.pdbx_strand_id   A
#
loop_
_chem_comp.id
_chem_comp.type
_chem_comp.name
_chem_comp.formula
BGC D-saccharide, beta linking beta-D-glucopyranose 'C6 H12 O6'
GOL non-polymer GLYCEROL 'C3 H8 O3'
#
# COMPACT_ATOMS: atom_id res chain seq x y z
N ARG A 22 -16.50 0.49 23.86
CA ARG A 22 -17.66 0.89 23.05
C ARG A 22 -18.07 -0.22 22.09
N ALA A 23 -17.19 -1.18 21.89
CA ALA A 23 -17.41 -2.26 20.95
C ALA A 23 -16.82 -3.52 21.55
N LYS A 24 -17.25 -4.66 21.03
CA LYS A 24 -16.80 -5.95 21.51
CA LYS A 24 -16.80 -5.95 21.51
C LYS A 24 -15.95 -6.60 20.42
N ILE A 25 -14.69 -6.88 20.73
CA ILE A 25 -13.82 -7.54 19.76
C ILE A 25 -14.20 -9.01 19.69
N PRO A 26 -14.43 -9.57 18.52
CA PRO A 26 -14.89 -10.95 18.42
C PRO A 26 -13.76 -11.94 18.62
N GLU A 27 -14.14 -13.15 19.04
CA GLU A 27 -13.24 -14.29 19.04
C GLU A 27 -13.29 -14.96 17.68
N ILE A 28 -12.22 -14.80 16.90
CA ILE A 28 -12.17 -15.26 15.51
C ILE A 28 -11.53 -16.64 15.50
N LYS A 29 -12.16 -17.59 14.82
CA LYS A 29 -11.67 -18.95 14.67
C LYS A 29 -11.43 -19.22 13.19
N ILE A 30 -10.18 -19.03 12.78
CA ILE A 30 -9.72 -19.39 11.43
C ILE A 30 -8.44 -20.20 11.60
N ALA A 31 -8.45 -21.44 11.09
CA ALA A 31 -7.27 -22.29 11.18
C ALA A 31 -6.13 -21.75 10.32
N SER A 32 -4.91 -21.83 10.85
CA SER A 32 -3.75 -21.43 10.07
C SER A 32 -3.50 -22.44 8.94
N ARG A 33 -3.12 -21.92 7.78
CA ARG A 33 -2.69 -22.74 6.67
C ARG A 33 -1.20 -23.06 6.83
N LYS A 34 -0.74 -24.02 6.04
CA LYS A 34 0.69 -24.29 6.00
C LYS A 34 1.40 -23.13 5.35
N ILE A 35 2.35 -22.54 6.05
CA ILE A 35 3.14 -21.42 5.54
C ILE A 35 4.56 -21.92 5.33
N PRO A 36 5.09 -21.89 4.12
CA PRO A 36 6.47 -22.36 3.93
C PRO A 36 7.45 -21.62 4.81
N ASN A 37 8.43 -22.36 5.34
CA ASN A 37 9.43 -21.76 6.20
C ASN A 37 10.56 -21.27 5.32
N ASN A 38 10.52 -19.99 4.97
CA ASN A 38 11.63 -19.38 4.27
C ASN A 38 11.79 -17.95 4.76
N ALA A 39 12.90 -17.32 4.34
CA ALA A 39 13.24 -16.01 4.87
C ALA A 39 12.18 -14.96 4.50
N ALA A 40 11.64 -15.05 3.29
CA ALA A 40 10.71 -14.03 2.82
C ALA A 40 9.44 -14.04 3.65
N LEU A 41 8.93 -15.24 3.94
CA LEU A 41 7.68 -15.28 4.67
C LEU A 41 7.89 -14.97 6.15
N LYS A 42 9.10 -15.27 6.69
CA LYS A 42 9.42 -14.82 8.06
C LYS A 42 9.50 -13.30 8.12
N PHE A 43 10.09 -12.69 7.09
CA PHE A 43 10.14 -11.23 6.94
C PHE A 43 8.74 -10.62 6.96
N VAL A 44 7.85 -11.14 6.11
CA VAL A 44 6.47 -10.62 6.07
C VAL A 44 5.79 -10.80 7.42
N LYS A 45 5.98 -11.95 8.07
CA LYS A 45 5.41 -12.13 9.40
C LYS A 45 5.92 -11.09 10.38
N ASP A 46 7.21 -10.78 10.32
CA ASP A 46 7.80 -9.83 11.26
C ASP A 46 7.31 -8.42 11.02
N MET A 47 6.93 -8.09 9.78
CA MET A 47 6.28 -6.81 9.51
C MET A 47 5.03 -6.63 10.35
N LYS A 48 4.30 -7.71 10.63
CA LYS A 48 3.25 -7.81 11.65
C LYS A 48 1.96 -7.16 11.19
N ILE A 49 1.96 -5.83 11.12
CA ILE A 49 0.79 -5.07 10.71
C ILE A 49 1.27 -3.65 10.46
N GLY A 50 0.67 -3.01 9.46
CA GLY A 50 1.13 -1.73 8.99
C GLY A 50 0.10 -0.63 9.13
N TRP A 51 0.61 0.59 9.11
CA TRP A 51 -0.18 1.82 9.17
C TRP A 51 0.30 2.72 8.05
N ASN A 52 -0.62 3.14 7.18
CA ASN A 52 -0.30 4.07 6.11
C ASN A 52 -0.38 5.51 6.61
N LEU A 53 0.67 6.28 6.33
CA LEU A 53 0.67 7.74 6.43
C LEU A 53 -0.09 8.30 5.22
N GLY A 54 -1.40 8.08 5.24
CA GLY A 54 -2.20 8.39 4.08
C GLY A 54 -2.52 9.87 3.95
N ASN A 55 -2.78 10.27 2.71
CA ASN A 55 -3.12 11.66 2.38
C ASN A 55 -2.07 12.65 2.90
N THR A 56 -0.80 12.24 2.84
CA THR A 56 0.31 13.02 3.34
C THR A 56 1.21 13.33 2.16
N PHE A 57 2.37 12.67 2.02
CA PHE A 57 3.24 12.93 0.88
C PHE A 57 2.64 12.49 -0.45
N ASP A 58 1.53 11.75 -0.40
CA ASP A 58 0.79 11.33 -1.60
C ASP A 58 -0.17 12.39 -2.13
N ALA A 59 -0.43 13.46 -1.39
CA ALA A 59 -1.31 14.52 -1.88
C ALA A 59 -0.73 15.08 -3.18
N ALA A 60 -1.60 15.27 -4.15
CA ALA A 60 -1.15 15.68 -5.47
C ALA A 60 -2.30 16.37 -6.17
N PHE A 61 -2.00 17.49 -6.81
CA PHE A 61 -2.99 18.30 -7.50
C PHE A 61 -2.24 19.43 -8.19
N GLU A 62 -2.88 20.01 -9.19
CA GLU A 62 -2.36 21.17 -9.90
C GLU A 62 -2.76 22.47 -9.21
N ASN A 63 -2.07 23.55 -9.58
CA ASN A 63 -2.41 24.91 -9.18
C ASN A 63 -2.49 25.07 -7.67
N PRO A 64 -1.44 24.70 -6.93
CA PRO A 64 -1.46 24.93 -5.49
C PRO A 64 -1.55 26.42 -5.19
N SER A 65 -2.31 26.73 -4.14
CA SER A 65 -2.44 28.13 -3.75
C SER A 65 -1.21 28.64 -3.01
N PHE A 66 -0.32 27.74 -2.63
CA PHE A 66 0.83 28.07 -1.80
C PHE A 66 2.10 28.02 -2.62
N ASP A 67 3.15 28.63 -2.07
CA ASP A 67 4.43 28.72 -2.76
C ASP A 67 5.38 27.60 -2.37
N ASP A 68 5.35 27.18 -1.11
CA ASP A 68 6.28 26.17 -0.59
C ASP A 68 5.77 24.77 -0.92
N GLU A 69 6.49 24.04 -1.79
CA GLU A 69 6.05 22.71 -2.19
C GLU A 69 5.95 21.75 -1.02
N LEU A 70 6.62 22.03 0.09
CA LEU A 70 6.51 21.12 1.23
C LEU A 70 5.10 21.11 1.81
N LEU A 71 4.30 22.16 1.54
CA LEU A 71 2.92 22.18 2.03
C LEU A 71 2.04 21.13 1.38
N TYR A 72 2.50 20.44 0.32
CA TYR A 72 1.77 19.27 -0.14
C TYR A 72 1.63 18.24 0.98
N GLU A 73 2.62 18.15 1.87
CA GLU A 73 2.56 17.18 2.95
C GLU A 73 1.29 17.32 3.79
N THR A 74 0.80 18.56 3.95
CA THR A 74 -0.31 18.81 4.85
C THR A 74 -1.56 19.31 4.15
N ALA A 75 -1.54 19.42 2.82
CA ALA A 75 -2.67 19.97 2.11
C ALA A 75 -3.96 19.17 2.35
N TRP A 76 -3.83 17.85 2.46
CA TRP A 76 -4.98 16.99 2.66
C TRP A 76 -5.15 16.58 4.13
N CYS A 77 -4.08 16.14 4.79
CA CYS A 77 -4.22 15.62 6.16
C CYS A 77 -4.21 16.71 7.21
N GLY A 78 -3.69 17.89 6.87
CA GLY A 78 -3.76 19.08 7.71
C GLY A 78 -2.79 19.14 8.86
N VAL A 79 -1.88 18.18 9.02
CA VAL A 79 -1.00 18.12 10.20
C VAL A 79 0.37 17.66 9.74
N LYS A 80 1.42 18.42 10.08
CA LYS A 80 2.76 18.03 9.67
C LYS A 80 3.22 16.84 10.49
N THR A 81 3.83 15.87 9.81
CA THR A 81 4.29 14.65 10.46
C THR A 81 5.42 14.94 11.44
N THR A 82 5.39 14.24 12.57
CA THR A 82 6.40 14.42 13.61
C THR A 82 6.90 13.07 14.08
N LYS A 83 8.07 13.09 14.75
CA LYS A 83 8.56 11.86 15.35
C LYS A 83 7.62 11.36 16.43
N GLN A 84 7.02 12.27 17.22
CA GLN A 84 6.07 11.83 18.24
C GLN A 84 4.90 11.08 17.61
N MET A 85 4.46 11.52 16.45
CA MET A 85 3.36 10.83 15.78
C MET A 85 3.74 9.41 15.41
N ILE A 86 4.92 9.23 14.81
CA ILE A 86 5.35 7.88 14.45
C ILE A 86 5.58 7.04 15.71
N ASP A 87 6.14 7.64 16.76
CA ASP A 87 6.26 6.96 18.05
C ASP A 87 4.92 6.42 18.53
N THR A 88 3.87 7.23 18.38
CA THR A 88 2.53 6.84 18.80
C THR A 88 2.03 5.64 18.01
N VAL A 89 2.27 5.63 16.70
CA VAL A 89 1.88 4.51 15.85
C VAL A 89 2.62 3.24 16.26
N LYS A 90 3.94 3.34 16.49
CA LYS A 90 4.68 2.18 16.99
C LYS A 90 4.12 1.69 18.33
N LYS A 91 3.90 2.61 19.27
CA LYS A 91 3.46 2.22 20.60
C LYS A 91 2.13 1.46 20.56
N ALA A 92 1.28 1.76 19.57
CA ALA A 92 -0.01 1.10 19.47
C ALA A 92 0.11 -0.33 18.96
N GLY A 93 1.28 -0.73 18.48
CA GLY A 93 1.52 -2.09 18.05
C GLY A 93 1.82 -2.26 16.58
N PHE A 94 1.77 -1.20 15.77
CA PHE A 94 2.14 -1.30 14.36
C PHE A 94 3.65 -1.48 14.24
N ASN A 95 4.09 -2.37 13.36
CA ASN A 95 5.52 -2.52 13.14
C ASN A 95 5.95 -2.12 11.73
N THR A 96 5.01 -1.69 10.90
CA THR A 96 5.29 -1.25 9.54
C THR A 96 4.59 0.08 9.33
N ILE A 97 5.27 1.01 8.68
CA ILE A 97 4.68 2.26 8.23
C ILE A 97 4.83 2.30 6.72
N ARG A 98 3.73 2.51 6.01
CA ARG A 98 3.78 2.76 4.59
C ARG A 98 3.68 4.26 4.38
N ILE A 99 4.64 4.80 3.63
CA ILE A 99 4.75 6.22 3.34
C ILE A 99 4.55 6.40 1.85
N PRO A 100 3.30 6.52 1.40
CA PRO A 100 3.06 6.76 -0.03
C PRO A 100 3.52 8.15 -0.42
N VAL A 101 4.16 8.24 -1.59
CA VAL A 101 4.70 9.52 -2.04
C VAL A 101 4.26 9.76 -3.48
N SER A 102 3.68 10.92 -3.72
CA SER A 102 3.44 11.37 -5.09
C SER A 102 4.57 12.34 -5.46
N TRP A 103 5.28 12.03 -6.55
CA TRP A 103 6.46 12.81 -6.92
C TRP A 103 6.23 13.82 -8.03
N HIS A 104 5.14 13.70 -8.80
CA HIS A 104 5.06 14.45 -10.05
C HIS A 104 4.91 15.96 -9.84
N ASN A 105 4.44 16.42 -8.66
CA ASN A 105 4.43 17.85 -8.37
C ASN A 105 5.75 18.35 -7.83
N HIS A 106 6.79 17.51 -7.87
CA HIS A 106 8.06 17.80 -7.25
C HIS A 106 9.24 17.48 -8.16
N VAL A 107 9.00 17.44 -9.48
CA VAL A 107 10.06 17.15 -10.43
C VAL A 107 10.15 18.26 -11.46
N THR A 108 11.35 18.47 -11.96
CA THR A 108 11.58 19.48 -12.97
C THR A 108 12.53 18.91 -14.01
N GLY A 109 12.48 19.48 -15.21
CA GLY A 109 13.40 19.10 -16.26
C GLY A 109 12.99 17.84 -16.99
N SER A 110 13.66 17.63 -18.13
CA SER A 110 13.29 16.51 -19.00
C SER A 110 13.58 15.16 -18.37
N ASN A 111 14.45 15.09 -17.36
CA ASN A 111 14.73 13.81 -16.73
C ASN A 111 14.23 13.75 -15.29
N PHE A 112 13.16 14.49 -14.99
CA PHE A 112 12.40 14.34 -13.75
C PHE A 112 13.29 14.44 -12.51
N THR A 113 14.01 15.54 -12.42
CA THR A 113 14.84 15.77 -11.23
C THR A 113 13.94 16.05 -10.04
N ILE A 114 14.09 15.26 -8.99
CA ILE A 114 13.30 15.45 -7.77
C ILE A 114 13.86 16.63 -6.99
N SER A 115 12.96 17.52 -6.57
CA SER A 115 13.31 18.62 -5.68
C SER A 115 14.04 18.10 -4.45
N LYS A 116 15.21 18.68 -4.19
CA LYS A 116 15.98 18.28 -3.02
C LYS A 116 15.19 18.49 -1.72
N ARG A 117 14.46 19.62 -1.60
CA ARG A 117 13.75 19.88 -0.36
C ARG A 117 12.69 18.82 -0.11
N TRP A 118 12.04 18.37 -1.18
CA TRP A 118 11.01 17.34 -1.03
C TRP A 118 11.60 16.01 -0.61
N LEU A 119 12.65 15.56 -1.32
CA LEU A 119 13.26 14.28 -0.99
C LEU A 119 13.88 14.31 0.41
N ASP A 120 14.48 15.44 0.79
CA ASP A 120 15.00 15.62 2.14
C ASP A 120 13.90 15.46 3.19
N ARG A 121 12.73 16.04 2.95
CA ARG A 121 11.63 15.93 3.92
C ARG A 121 11.11 14.50 4.02
N VAL A 122 10.92 13.82 2.88
CA VAL A 122 10.52 12.42 2.89
C VAL A 122 11.51 11.61 3.71
N GLN A 123 12.80 11.87 3.52
CA GLN A 123 13.83 11.11 4.24
C GLN A 123 13.75 11.36 5.74
N GLN A 124 13.44 12.59 6.13
CA GLN A 124 13.28 12.89 7.55
C GLN A 124 12.20 12.00 8.18
N VAL A 125 11.08 11.82 7.47
CA VAL A 125 9.99 11.00 7.99
C VAL A 125 10.35 9.51 7.98
N VAL A 126 11.06 9.03 6.95
CA VAL A 126 11.56 7.66 6.97
C VAL A 126 12.42 7.45 8.21
N ASP A 127 13.25 8.45 8.54
CA ASP A 127 14.14 8.34 9.70
C ASP A 127 13.34 8.24 10.99
N TYR A 128 12.20 8.93 11.09
CA TYR A 128 11.37 8.78 12.29
C TYR A 128 11.03 7.32 12.50
N ALA A 129 10.68 6.64 11.41
CA ALA A 129 10.26 5.24 11.48
C ALA A 129 11.44 4.31 11.70
N MET A 130 12.57 4.58 11.05
CA MET A 130 13.76 3.76 11.28
C MET A 130 14.21 3.86 12.74
N LYS A 131 14.10 5.05 13.35
CA LYS A 131 14.49 5.17 14.75
C LYS A 131 13.63 4.30 15.64
N ASN A 132 12.40 4.03 15.22
CA ASN A 132 11.48 3.13 15.92
C ASN A 132 11.64 1.69 15.47
N LYS A 133 12.66 1.38 14.69
CA LYS A 133 12.95 0.02 14.24
C LYS A 133 11.76 -0.61 13.48
N MET A 134 11.03 0.22 12.73
CA MET A 134 9.85 -0.21 11.99
C MET A 134 10.24 -0.58 10.58
N TYR A 135 9.48 -1.49 9.97
CA TYR A 135 9.55 -1.66 8.53
C TYR A 135 8.91 -0.43 7.87
N VAL A 136 9.48 -0.01 6.74
CA VAL A 136 9.03 1.19 6.04
C VAL A 136 8.89 0.86 4.57
N ILE A 137 7.74 1.24 4.00
CA ILE A 137 7.48 1.11 2.56
C ILE A 137 7.35 2.50 1.95
N ILE A 138 8.11 2.77 0.89
CA ILE A 138 7.96 4.00 0.12
C ILE A 138 7.68 3.62 -1.33
N ASN A 139 6.93 4.48 -2.04
CA ASN A 139 6.46 4.09 -3.38
C ASN A 139 6.43 5.29 -4.32
N ILE A 140 5.90 5.05 -5.52
CA ILE A 140 5.33 6.07 -6.41
C ILE A 140 3.80 5.97 -6.30
N HIS A 141 3.11 7.08 -5.93
CA HIS A 141 1.69 6.98 -5.62
C HIS A 141 0.86 7.64 -6.72
N HIS A 142 0.32 8.85 -6.53
CA HIS A 142 -0.64 9.46 -7.46
C HIS A 142 0.08 10.17 -8.60
N ASP A 143 0.87 9.39 -9.35
CA ASP A 143 1.61 9.86 -10.51
C ASP A 143 1.15 9.15 -11.79
N ILE A 144 -0.09 8.68 -11.83
CA ILE A 144 -0.57 7.86 -12.93
C ILE A 144 -1.22 8.80 -13.94
N MET A 145 -0.43 9.31 -14.87
CA MET A 145 -0.90 10.24 -15.87
C MET A 145 0.07 10.24 -17.04
N PRO A 146 -0.40 10.49 -18.25
CA PRO A 146 0.51 10.58 -19.38
C PRO A 146 1.60 11.63 -19.12
N GLY A 147 2.83 11.29 -19.45
CA GLY A 147 3.95 12.15 -19.15
C GLY A 147 4.68 11.79 -17.88
N TYR A 148 4.04 11.03 -16.99
CA TYR A 148 4.72 10.47 -15.82
C TYR A 148 4.61 8.95 -15.96
N TYR A 149 3.92 8.26 -15.03
CA TYR A 149 3.72 6.82 -15.11
C TYR A 149 2.39 6.57 -15.83
N TYR A 150 2.45 5.99 -17.02
CA TYR A 150 1.20 5.60 -17.68
C TYR A 150 1.37 4.29 -18.44
N PRO A 151 0.58 3.25 -18.11
CA PRO A 151 0.88 1.90 -18.65
C PRO A 151 0.18 1.56 -19.96
N ASN A 152 0.60 2.19 -21.04
CA ASN A 152 0.21 1.72 -22.35
C ASN A 152 1.34 1.98 -23.35
N SER A 153 1.18 1.41 -24.54
CA SER A 153 2.27 1.49 -25.53
C SER A 153 2.51 2.93 -25.94
N GLN A 154 1.44 3.73 -26.05
CA GLN A 154 1.57 5.11 -26.49
C GLN A 154 2.50 5.90 -25.59
N HIS A 155 2.46 5.65 -24.28
CA HIS A 155 3.23 6.44 -23.32
C HIS A 155 4.33 5.62 -22.66
N LEU A 156 4.63 4.44 -23.19
CA LEU A 156 5.54 3.53 -22.48
C LEU A 156 6.95 4.11 -22.41
N GLN A 157 7.44 4.74 -23.47
CA GLN A 157 8.83 5.24 -23.45
C GLN A 157 9.00 6.29 -22.36
N THR A 158 8.06 7.23 -22.24
CA THR A 158 8.14 8.19 -21.15
C THR A 158 7.93 7.53 -19.78
N SER A 159 7.08 6.52 -19.71
CA SER A 159 6.89 5.83 -18.43
C SER A 159 8.16 5.12 -17.98
N ILE A 160 8.87 4.47 -18.90
CA ILE A 160 10.15 3.85 -18.58
C ILE A 160 11.12 4.91 -18.04
N LYS A 161 11.18 6.06 -18.71
CA LYS A 161 12.09 7.13 -18.29
C LYS A 161 11.74 7.61 -16.88
N TYR A 162 10.45 7.72 -16.59
CA TYR A 162 9.98 8.18 -15.28
C TYR A 162 10.33 7.18 -14.19
N VAL A 163 10.00 5.90 -14.40
CA VAL A 163 10.35 4.87 -13.42
C VAL A 163 11.86 4.84 -13.19
N LYS A 164 12.64 4.82 -14.28
CA LYS A 164 14.10 4.81 -14.16
C LYS A 164 14.59 6.01 -13.36
N SER A 165 14.10 7.21 -13.67
CA SER A 165 14.64 8.40 -13.04
C SER A 165 14.22 8.52 -11.58
N ILE A 166 12.93 8.35 -11.29
CA ILE A 166 12.49 8.41 -9.90
C ILE A 166 13.23 7.39 -9.06
N TRP A 167 13.29 6.12 -9.53
CA TRP A 167 13.84 5.09 -8.68
C TRP A 167 15.35 5.15 -8.62
N THR A 168 16.04 5.67 -9.65
CA THR A 168 17.47 5.90 -9.51
C THR A 168 17.73 6.90 -8.40
N GLN A 169 16.96 8.00 -8.41
CA GLN A 169 17.17 9.06 -7.42
C GLN A 169 16.81 8.60 -6.03
N VAL A 170 15.64 7.96 -5.88
CA VAL A 170 15.19 7.54 -4.56
C VAL A 170 16.08 6.40 -4.04
N ALA A 171 16.32 5.39 -4.87
CA ALA A 171 17.13 4.26 -4.41
C ALA A 171 18.52 4.73 -4.03
N THR A 172 19.09 5.68 -4.79
CA THR A 172 20.42 6.15 -4.44
C THR A 172 20.43 6.84 -3.09
N ARG A 173 19.42 7.67 -2.81
CA ARG A 173 19.37 8.37 -1.53
C ARG A 173 19.35 7.38 -0.38
N PHE A 174 18.60 6.28 -0.53
CA PHE A 174 18.31 5.36 0.56
C PHE A 174 19.16 4.09 0.48
N LYS A 175 20.24 4.10 -0.30
CA LYS A 175 20.96 2.87 -0.61
C LYS A 175 21.55 2.20 0.63
N ASN A 176 21.96 2.95 1.65
N ASN A 176 21.94 2.96 1.64
CA ASN A 176 22.58 2.34 2.82
CA ASN A 176 22.57 2.40 2.84
C ASN A 176 21.61 2.09 3.95
C ASN A 176 21.60 2.22 4.00
N TYR A 177 20.31 2.24 3.71
CA TYR A 177 19.31 1.87 4.70
C TYR A 177 19.17 0.35 4.72
N ASN A 178 19.00 -0.22 5.92
CA ASN A 178 18.92 -1.67 6.08
C ASN A 178 17.62 -2.21 5.48
N ASP A 179 17.46 -3.54 5.54
CA ASP A 179 16.34 -4.23 4.88
C ASP A 179 15.00 -3.96 5.55
N HIS A 180 14.92 -3.21 6.65
CA HIS A 180 13.60 -2.78 7.09
C HIS A 180 12.94 -1.80 6.12
N LEU A 181 13.72 -1.15 5.25
CA LEU A 181 13.19 -0.28 4.21
C LEU A 181 12.90 -1.07 2.93
N ILE A 182 11.67 -0.97 2.46
CA ILE A 182 11.11 -1.70 1.33
C ILE A 182 10.71 -0.68 0.27
N PHE A 183 11.04 -0.95 -1.00
CA PHE A 183 10.60 -0.10 -2.11
C PHE A 183 9.44 -0.78 -2.82
N GLU A 184 8.41 0.00 -3.11
CA GLU A 184 7.22 -0.46 -3.83
C GLU A 184 7.13 0.29 -5.15
N ALA A 185 7.15 -0.45 -6.27
CA ALA A 185 7.39 0.13 -7.58
C ALA A 185 6.47 1.31 -7.85
N VAL A 186 5.18 1.10 -7.63
CA VAL A 186 4.14 2.04 -7.99
C VAL A 186 2.91 1.55 -7.25
N ASN A 187 1.95 2.45 -7.03
CA ASN A 187 0.79 2.18 -6.20
C ASN A 187 -0.27 1.38 -6.93
N GLN A 188 -1.03 2.03 -7.83
CA GLN A 188 -2.17 1.40 -8.50
C GLN A 188 -2.08 1.71 -9.99
N PRO A 189 -1.13 1.08 -10.68
CA PRO A 189 -0.92 1.41 -12.09
C PRO A 189 -2.11 0.98 -12.92
N ARG A 190 -2.63 1.88 -13.75
CA ARG A 190 -3.88 1.63 -14.46
C ARG A 190 -4.07 2.70 -15.53
N LEU A 191 -5.05 2.47 -16.39
CA LEU A 191 -5.50 3.47 -17.33
C LEU A 191 -6.52 4.30 -16.57
N THR A 192 -6.43 5.61 -16.68
CA THR A 192 -7.35 6.47 -15.94
C THR A 192 -8.39 7.10 -16.85
N GLY A 193 -9.54 7.45 -16.27
CA GLY A 193 -10.61 8.06 -17.02
C GLY A 193 -11.06 7.18 -18.16
N SER A 194 -11.41 5.93 -17.83
CA SER A 194 -11.68 4.90 -18.83
C SER A 194 -12.53 3.83 -18.17
N ARG A 195 -13.36 3.18 -18.98
CA ARG A 195 -14.13 2.03 -18.47
C ARG A 195 -13.21 0.96 -17.91
N PHE A 196 -11.95 0.95 -18.32
CA PHE A 196 -11.00 -0.06 -17.84
C PHE A 196 -10.18 0.39 -16.63
N GLU A 197 -10.47 1.55 -16.04
CA GLU A 197 -9.61 2.04 -14.98
C GLU A 197 -9.51 1.03 -13.83
N TRP A 198 -10.61 0.39 -13.46
CA TRP A 198 -10.63 -0.51 -12.33
C TRP A 198 -10.98 -1.95 -12.67
N TRP A 199 -11.15 -2.28 -13.95
CA TRP A 199 -11.57 -3.61 -14.37
C TRP A 199 -11.00 -3.86 -15.76
N LEU A 200 -10.54 -5.07 -15.99
CA LEU A 200 -10.02 -5.46 -17.29
C LEU A 200 -10.90 -6.50 -17.97
N ASP A 201 -11.00 -6.38 -19.28
CA ASP A 201 -11.45 -7.42 -20.16
C ASP A 201 -10.20 -7.96 -20.88
N MET A 202 -9.74 -9.13 -20.48
CA MET A 202 -8.48 -9.62 -21.01
C MET A 202 -8.60 -10.15 -22.44
N ASN A 203 -9.79 -10.12 -23.03
CA ASN A 203 -9.96 -10.32 -24.47
C ASN A 203 -9.74 -9.04 -25.27
N ASN A 204 -9.69 -7.90 -24.61
CA ASN A 204 -9.55 -6.62 -25.29
C ASN A 204 -8.07 -6.25 -25.42
N PRO A 205 -7.58 -5.88 -26.60
CA PRO A 205 -6.14 -5.58 -26.74
C PRO A 205 -5.66 -4.39 -25.92
N GLU A 206 -6.54 -3.42 -25.61
CA GLU A 206 -6.13 -2.29 -24.79
C GLU A 206 -5.76 -2.76 -23.40
N CYS A 207 -6.52 -3.73 -22.86
CA CYS A 207 -6.24 -4.25 -21.53
C CYS A 207 -5.01 -5.14 -21.54
N ARG A 208 -4.86 -5.98 -22.57
CA ARG A 208 -3.67 -6.81 -22.63
C ARG A 208 -2.42 -5.95 -22.72
N ASP A 209 -2.51 -4.84 -23.45
CA ASP A 209 -1.36 -3.94 -23.60
C ASP A 209 -0.96 -3.30 -22.27
N ALA A 210 -1.95 -2.92 -21.46
CA ALA A 210 -1.65 -2.28 -20.18
C ALA A 210 -1.02 -3.28 -19.20
N VAL A 211 -1.49 -4.52 -19.21
CA VAL A 211 -0.88 -5.55 -18.37
C VAL A 211 0.57 -5.79 -18.78
N GLU A 212 0.83 -5.81 -20.08
CA GLU A 212 2.19 -5.98 -20.57
C GLU A 212 3.06 -4.78 -20.19
N ALA A 213 2.53 -3.58 -20.30
CA ALA A 213 3.28 -2.39 -19.95
C ALA A 213 3.67 -2.42 -18.48
N ILE A 214 2.74 -2.88 -17.62
CA ILE A 214 3.02 -2.94 -16.18
C ILE A 214 4.12 -3.96 -15.90
N ASN A 215 4.09 -5.10 -16.61
CA ASN A 215 5.17 -6.08 -16.48
C ASN A 215 6.51 -5.45 -16.83
N LYS A 216 6.55 -4.70 -17.94
CA LYS A 216 7.79 -4.06 -18.37
C LYS A 216 8.26 -3.04 -17.35
N LEU A 217 7.34 -2.22 -16.85
CA LEU A 217 7.73 -1.16 -15.93
C LEU A 217 8.14 -1.72 -14.57
N ASN A 218 7.55 -2.86 -14.16
CA ASN A 218 8.00 -3.52 -12.94
C ASN A 218 9.40 -4.10 -13.11
N GLN A 219 9.71 -4.59 -14.31
CA GLN A 219 11.06 -5.07 -14.57
C GLN A 219 12.07 -3.92 -14.59
N VAL A 220 11.69 -2.79 -15.18
CA VAL A 220 12.54 -1.60 -15.17
C VAL A 220 12.83 -1.17 -13.74
N PHE A 221 11.80 -1.17 -12.90
CA PHE A 221 11.95 -0.82 -11.49
C PHE A 221 12.97 -1.70 -10.81
N VAL A 222 12.81 -3.01 -10.92
CA VAL A 222 13.76 -3.92 -10.26
C VAL A 222 15.16 -3.68 -10.78
N ASP A 223 15.33 -3.64 -12.10
CA ASP A 223 16.66 -3.48 -12.67
C ASP A 223 17.28 -2.17 -12.21
N THR A 224 16.48 -1.11 -12.15
CA THR A 224 16.99 0.20 -11.75
C THR A 224 17.48 0.16 -10.31
N VAL A 225 16.67 -0.40 -9.42
CA VAL A 225 17.04 -0.44 -8.01
C VAL A 225 18.31 -1.27 -7.82
N ARG A 226 18.34 -2.46 -8.39
CA ARG A 226 19.48 -3.35 -8.17
C ARG A 226 20.78 -2.71 -8.66
N SER A 227 20.69 -1.90 -9.72
CA SER A 227 21.89 -1.32 -10.33
C SER A 227 22.55 -0.25 -9.46
N THR A 228 21.89 0.23 -8.40
CA THR A 228 22.42 1.34 -7.61
C THR A 228 23.34 0.88 -6.48
N GLY A 229 23.47 -0.41 -6.25
CA GLY A 229 24.46 -0.91 -5.30
C GLY A 229 24.04 -0.83 -3.86
N GLY A 230 25.04 -1.05 -2.99
CA GLY A 230 24.78 -1.04 -1.55
C GLY A 230 23.76 -2.08 -1.16
N ASN A 231 22.91 -1.72 -0.20
CA ASN A 231 21.88 -2.65 0.22
CA ASN A 231 21.87 -2.65 0.23
C ASN A 231 20.74 -2.77 -0.79
N ASN A 232 20.73 -1.94 -1.82
CA ASN A 232 19.68 -2.08 -2.84
C ASN A 232 19.85 -3.34 -3.67
N VAL A 233 21.00 -4.01 -3.60
CA VAL A 233 21.19 -5.24 -4.36
C VAL A 233 20.33 -6.38 -3.83
N SER A 234 19.92 -6.33 -2.55
CA SER A 234 19.20 -7.44 -1.92
C SER A 234 17.94 -7.02 -1.16
N ARG A 235 17.67 -5.73 -1.06
CA ARG A 235 16.47 -5.22 -0.40
C ARG A 235 15.21 -5.87 -0.98
N TYR A 236 14.20 -6.07 -0.12
CA TYR A 236 12.91 -6.53 -0.61
C TYR A 236 12.21 -5.42 -1.38
N LEU A 237 11.54 -5.81 -2.47
CA LEU A 237 10.87 -4.90 -3.39
C LEU A 237 9.45 -5.41 -3.62
N MET A 238 8.48 -4.50 -3.58
CA MET A 238 7.08 -4.83 -3.80
C MET A 238 6.66 -4.42 -5.20
N VAL A 239 5.90 -5.28 -5.88
CA VAL A 239 5.39 -4.95 -7.20
C VAL A 239 3.92 -5.30 -7.26
N PRO A 240 3.09 -4.41 -7.84
CA PRO A 240 1.68 -4.71 -8.05
C PRO A 240 1.40 -5.19 -9.46
N GLY A 241 0.19 -5.72 -9.66
CA GLY A 241 -0.42 -5.80 -10.97
C GLY A 241 -1.38 -4.63 -11.21
N TYR A 242 -2.16 -4.77 -12.28
CA TYR A 242 -3.06 -3.71 -12.68
C TYR A 242 -3.95 -3.26 -11.52
N ALA A 243 -3.94 -1.96 -11.25
CA ALA A 243 -4.75 -1.31 -10.22
C ALA A 243 -4.45 -1.84 -8.83
N ALA A 244 -3.35 -2.57 -8.66
CA ALA A 244 -3.02 -3.28 -7.42
C ALA A 244 -4.11 -4.25 -7.01
N ALA A 245 -4.93 -4.68 -7.95
CA ALA A 245 -6.00 -5.61 -7.62
C ALA A 245 -5.44 -7.03 -7.46
N PRO A 246 -5.98 -7.81 -6.51
CA PRO A 246 -5.61 -9.24 -6.46
C PRO A 246 -5.82 -9.94 -7.79
N GLU A 247 -6.92 -9.60 -8.49
CA GLU A 247 -7.27 -10.30 -9.72
C GLU A 247 -6.16 -10.20 -10.75
N TYR A 248 -5.42 -9.10 -10.77
CA TYR A 248 -4.52 -8.84 -11.88
C TYR A 248 -3.07 -9.18 -11.54
N VAL A 249 -2.84 -9.76 -10.36
CA VAL A 249 -1.67 -10.60 -10.17
C VAL A 249 -2.02 -12.07 -10.25
N LEU A 250 -3.32 -12.41 -10.21
CA LEU A 250 -3.74 -13.80 -10.32
C LEU A 250 -3.84 -14.27 -11.77
N ILE A 251 -4.07 -13.34 -12.71
CA ILE A 251 -4.08 -13.71 -14.12
C ILE A 251 -2.75 -14.30 -14.54
N ASP A 252 -2.80 -15.19 -15.52
CA ASP A 252 -1.59 -15.84 -16.03
C ASP A 252 -0.64 -14.82 -16.64
N GLU A 253 -1.16 -13.71 -17.14
CA GLU A 253 -0.35 -12.74 -17.86
C GLU A 253 0.53 -11.91 -16.95
N PHE A 254 0.29 -11.92 -15.63
CA PHE A 254 1.15 -11.18 -14.70
C PHE A 254 2.49 -11.90 -14.59
N LYS A 255 3.58 -11.14 -14.62
CA LYS A 255 4.92 -11.71 -14.52
C LYS A 255 5.67 -11.12 -13.35
N ILE A 256 6.17 -11.98 -12.47
CA ILE A 256 7.10 -11.51 -11.45
C ILE A 256 8.41 -11.13 -12.14
N PRO A 257 8.94 -9.92 -11.92
CA PRO A 257 10.20 -9.55 -12.58
C PRO A 257 11.33 -10.49 -12.24
N LYS A 258 12.22 -10.66 -13.21
CA LYS A 258 13.49 -11.35 -12.98
C LYS A 258 14.34 -10.48 -12.08
N ASP A 259 15.04 -11.11 -11.14
CA ASP A 259 15.77 -10.37 -10.11
C ASP A 259 17.22 -10.81 -10.13
N SER A 260 18.12 -9.85 -10.22
CA SER A 260 19.54 -10.18 -10.24
C SER A 260 20.13 -10.35 -8.85
N SER A 261 19.36 -10.07 -7.80
CA SER A 261 19.84 -10.26 -6.44
C SER A 261 20.38 -11.66 -6.26
N LYS A 262 21.56 -11.76 -5.65
CA LYS A 262 22.09 -13.06 -5.27
C LYS A 262 21.29 -13.67 -4.13
N TYR A 263 20.48 -12.89 -3.42
CA TYR A 263 19.53 -13.43 -2.48
C TYR A 263 18.24 -13.78 -3.21
N LYS A 264 17.79 -15.01 -3.05
CA LYS A 264 16.59 -15.44 -3.74
C LYS A 264 15.34 -14.86 -3.07
N ASN A 265 14.30 -14.74 -3.88
CA ASN A 265 12.93 -14.55 -3.37
C ASN A 265 12.79 -13.23 -2.60
N ARG A 266 13.19 -12.14 -3.26
CA ARG A 266 13.18 -10.81 -2.65
C ARG A 266 12.12 -9.91 -3.26
N ILE A 267 11.22 -10.46 -4.09
CA ILE A 267 10.13 -9.70 -4.69
C ILE A 267 8.84 -10.08 -3.97
N ILE A 268 8.14 -9.06 -3.46
CA ILE A 268 6.89 -9.22 -2.72
C ILE A 268 5.75 -8.77 -3.62
N ILE A 269 4.69 -9.57 -3.68
CA ILE A 269 3.50 -9.19 -4.44
C ILE A 269 2.70 -8.19 -3.60
N SER A 270 2.35 -7.06 -4.21
CA SER A 270 1.57 -6.00 -3.59
C SER A 270 0.13 -6.06 -4.08
N VAL A 271 -0.82 -6.08 -3.14
CA VAL A 271 -2.23 -5.96 -3.50
C VAL A 271 -2.89 -4.97 -2.54
N HIS A 272 -3.95 -4.35 -3.04
CA HIS A 272 -4.87 -3.54 -2.23
C HIS A 272 -6.24 -4.18 -2.31
N ALA A 273 -6.99 -4.17 -1.20
CA ALA A 273 -8.26 -4.93 -1.20
C ALA A 273 -9.17 -4.39 -0.10
N TYR A 274 -9.95 -3.37 -0.46
CA TYR A 274 -10.98 -2.83 0.44
C TYR A 274 -12.25 -3.62 0.18
N ARG A 275 -12.31 -4.79 0.78
CA ARG A 275 -13.32 -5.79 0.47
C ARG A 275 -13.95 -6.30 1.75
N PRO A 276 -15.28 -6.53 1.73
CA PRO A 276 -16.21 -6.31 0.60
C PRO A 276 -16.40 -4.83 0.31
N TYR A 277 -16.34 -4.50 -0.98
CA TYR A 277 -16.34 -3.11 -1.42
C TYR A 277 -17.53 -2.33 -0.89
N ASN A 278 -18.73 -2.91 -0.97
CA ASN A 278 -19.95 -2.16 -0.63
C ASN A 278 -19.96 -1.74 0.83
N PHE A 279 -19.28 -2.49 1.71
CA PHE A 279 -19.10 -2.13 3.11
C PHE A 279 -17.90 -1.22 3.34
N ALA A 280 -16.74 -1.59 2.82
CA ALA A 280 -15.47 -1.00 3.23
C ALA A 280 -15.17 0.34 2.56
N LEU A 281 -15.50 0.49 1.28
CA LEU A 281 -15.00 1.60 0.50
C LEU A 281 -16.09 2.39 -0.21
N GLN A 282 -17.18 1.74 -0.64
CA GLN A 282 -18.27 2.47 -1.26
C GLN A 282 -18.82 3.52 -0.31
N ALA A 283 -19.11 4.71 -0.85
CA ALA A 283 -19.54 5.79 0.01
C ALA A 283 -20.92 5.51 0.55
N PRO A 284 -21.21 5.97 1.76
CA PRO A 284 -22.48 5.60 2.40
C PRO A 284 -23.69 6.19 1.72
N ASN A 285 -23.56 7.25 0.94
CA ASN A 285 -24.73 7.80 0.24
C ASN A 285 -24.88 7.29 -1.19
N GLU A 286 -24.10 6.29 -1.62
CA GLU A 286 -24.27 5.69 -2.93
C GLU A 286 -25.15 4.44 -2.79
N SER A 287 -26.20 4.34 -3.62
CA SER A 287 -27.03 3.13 -3.64
C SER A 287 -26.13 1.91 -3.78
N GLY A 288 -26.41 0.89 -2.97
CA GLY A 288 -25.57 -0.29 -2.92
C GLY A 288 -24.64 -0.34 -1.73
N SER A 289 -24.35 0.80 -1.11
CA SER A 289 -23.55 0.79 0.10
C SER A 289 -24.25 0.01 1.19
N VAL A 290 -23.45 -0.68 2.00
CA VAL A 290 -23.91 -1.26 3.26
C VAL A 290 -23.03 -0.74 4.38
N SER A 291 -23.63 -0.65 5.56
CA SER A 291 -22.91 -0.17 6.74
CA SER A 291 -22.91 -0.17 6.74
C SER A 291 -22.72 -1.25 7.79
N GLU A 292 -23.28 -2.43 7.60
CA GLU A 292 -23.18 -3.53 8.55
C GLU A 292 -22.23 -4.59 8.02
N TRP A 293 -21.45 -5.16 8.93
CA TRP A 293 -20.53 -6.26 8.64
C TRP A 293 -20.56 -7.15 9.87
N SER A 294 -20.79 -8.44 9.69
CA SER A 294 -20.91 -9.35 10.80
C SER A 294 -19.97 -10.54 10.66
N VAL A 295 -19.26 -10.87 11.74
CA VAL A 295 -18.39 -12.02 11.74
C VAL A 295 -19.18 -13.32 11.62
N ASN A 296 -20.50 -13.28 11.83
CA ASN A 296 -21.36 -14.46 11.75
C ASN A 296 -22.09 -14.57 10.42
N SER A 297 -21.73 -13.73 9.43
CA SER A 297 -22.40 -13.72 8.13
C SER A 297 -21.45 -14.12 7.04
N GLU A 298 -21.79 -15.21 6.33
CA GLU A 298 -20.96 -15.57 5.20
C GLU A 298 -20.99 -14.45 4.17
N GLU A 299 -22.10 -13.72 4.07
CA GLU A 299 -22.11 -12.65 3.05
C GLU A 299 -21.06 -11.57 3.36
N SER A 300 -20.81 -11.29 4.64
CA SER A 300 -19.80 -10.31 5.01
C SER A 300 -18.39 -10.87 4.77
N ARG A 301 -18.20 -12.15 5.01
CA ARG A 301 -16.87 -12.75 4.98
C ARG A 301 -16.42 -13.14 3.56
N ARG A 302 -17.36 -13.44 2.66
CA ARG A 302 -17.06 -14.14 1.40
C ARG A 302 -15.92 -13.49 0.61
N ASP A 303 -16.01 -12.18 0.35
CA ASP A 303 -15.06 -11.55 -0.57
C ASP A 303 -13.65 -11.46 0.03
N ILE A 304 -13.54 -11.41 1.35
CA ILE A 304 -12.24 -11.44 2.03
C ILE A 304 -11.60 -12.80 1.85
N ASP A 305 -12.33 -13.86 2.20
CA ASP A 305 -11.80 -15.20 2.05
C ASP A 305 -11.36 -15.47 0.63
N TYR A 306 -12.17 -15.06 -0.35
CA TYR A 306 -11.94 -15.50 -1.72
C TYR A 306 -10.62 -14.99 -2.26
N PHE A 307 -10.38 -13.68 -2.20
CA PHE A 307 -9.15 -13.21 -2.81
C PHE A 307 -7.93 -13.69 -2.02
N MET A 308 -8.06 -13.82 -0.70
CA MET A 308 -6.93 -14.29 0.09
C MET A 308 -6.63 -15.74 -0.20
N ASP A 309 -7.67 -16.56 -0.39
CA ASP A 309 -7.47 -17.94 -0.79
C ASP A 309 -6.72 -18.03 -2.11
N LYS A 310 -7.08 -17.20 -3.10
CA LYS A 310 -6.44 -17.30 -4.40
C LYS A 310 -4.98 -16.86 -4.32
N LEU A 311 -4.69 -15.82 -3.52
CA LEU A 311 -3.33 -15.36 -3.33
C LEU A 311 -2.49 -16.39 -2.57
N TYR A 312 -3.08 -17.05 -1.57
CA TYR A 312 -2.38 -18.14 -0.90
C TYR A 312 -2.06 -19.26 -1.89
N ASP A 313 -3.02 -19.61 -2.76
CA ASP A 313 -2.81 -20.71 -3.70
C ASP A 313 -1.68 -20.40 -4.67
N LYS A 314 -1.68 -19.19 -5.24
CA LYS A 314 -0.75 -18.88 -6.31
C LYS A 314 0.64 -18.54 -5.78
N PHE A 315 0.70 -17.84 -4.65
CA PHE A 315 1.96 -17.25 -4.19
C PHE A 315 2.40 -17.83 -2.84
N VAL A 316 1.69 -17.56 -1.74
CA VAL A 316 2.24 -17.87 -0.43
C VAL A 316 2.56 -19.36 -0.31
N SER A 317 1.62 -20.21 -0.75
CA SER A 317 1.81 -21.65 -0.63
C SER A 317 3.02 -22.14 -1.41
N LYS A 318 3.47 -21.36 -2.38
CA LYS A 318 4.65 -21.65 -3.19
C LYS A 318 5.88 -20.93 -2.65
N GLY A 319 5.74 -20.22 -1.53
CA GLY A 319 6.86 -19.56 -0.89
C GLY A 319 7.03 -18.12 -1.26
N ILE A 320 6.16 -17.56 -2.10
CA ILE A 320 6.31 -16.22 -2.62
C ILE A 320 5.58 -15.27 -1.70
N PRO A 321 6.22 -14.22 -1.19
CA PRO A 321 5.57 -13.34 -0.22
C PRO A 321 4.59 -12.37 -0.85
N VAL A 322 3.53 -12.08 -0.07
CA VAL A 322 2.43 -11.20 -0.44
C VAL A 322 2.16 -10.24 0.72
N VAL A 323 2.02 -8.94 0.41
CA VAL A 323 1.64 -7.93 1.40
C VAL A 323 0.42 -7.19 0.87
N ILE A 324 -0.60 -7.04 1.72
CA ILE A 324 -1.75 -6.19 1.42
C ILE A 324 -1.38 -4.79 1.91
N GLY A 325 -0.95 -3.94 0.97
CA GLY A 325 -0.42 -2.65 1.35
C GLY A 325 -1.47 -1.64 1.76
N GLU A 326 -2.74 -1.89 1.39
CA GLU A 326 -3.84 -1.02 1.81
C GLU A 326 -5.11 -1.86 1.98
N PHE A 327 -5.75 -1.66 3.13
CA PHE A 327 -7.13 -2.04 3.34
C PHE A 327 -7.69 -1.10 4.40
N GLY A 328 -8.99 -1.17 4.59
CA GLY A 328 -9.64 -0.41 5.64
C GLY A 328 -11.13 -0.44 5.41
N ALA A 329 -11.86 0.11 6.39
CA ALA A 329 -13.30 0.32 6.27
C ALA A 329 -13.58 1.75 6.72
N ARG A 330 -14.22 2.51 5.85
CA ARG A 330 -14.53 3.90 6.14
C ARG A 330 -15.71 3.98 7.11
N ASP A 331 -15.70 5.00 7.95
CA ASP A 331 -16.81 5.20 8.85
C ASP A 331 -18.08 5.49 8.06
N LYS A 332 -19.18 4.84 8.45
CA LYS A 332 -20.50 5.08 7.86
C LYS A 332 -21.45 5.34 9.01
N ASN A 333 -21.56 6.60 9.36
CA ASN A 333 -22.53 7.02 10.37
C ASN A 333 -22.38 6.26 11.67
N GLY A 334 -21.14 6.02 12.08
CA GLY A 334 -20.91 5.47 13.41
C GLY A 334 -20.98 3.98 13.55
N ASN A 335 -20.61 3.24 12.51
CA ASN A 335 -20.76 1.78 12.45
C ASN A 335 -19.55 1.07 13.07
N LEU A 336 -19.27 1.42 14.34
CA LEU A 336 -18.04 1.00 14.97
C LEU A 336 -17.99 -0.52 15.14
N GLN A 337 -19.05 -1.10 15.70
CA GLN A 337 -19.03 -2.54 15.96
C GLN A 337 -18.76 -3.32 14.68
N SER A 338 -19.39 -2.93 13.57
CA SER A 338 -19.12 -3.60 12.30
C SER A 338 -17.67 -3.44 11.88
N ARG A 339 -17.11 -2.23 11.99
CA ARG A 339 -15.74 -2.03 11.56
C ARG A 339 -14.75 -2.76 12.46
N VAL A 340 -15.07 -2.89 13.75
CA VAL A 340 -14.25 -3.69 14.68
C VAL A 340 -14.25 -5.16 14.28
N GLU A 341 -15.42 -5.73 14.01
CA GLU A 341 -15.47 -7.13 13.60
C GLU A 341 -14.75 -7.34 12.28
N PHE A 342 -15.00 -6.45 11.31
CA PHE A 342 -14.30 -6.47 10.02
C PHE A 342 -12.78 -6.50 10.21
N ALA A 343 -12.27 -5.59 11.04
CA ALA A 343 -10.83 -5.42 11.12
C ALA A 343 -10.17 -6.63 11.75
N ALA A 344 -10.78 -7.17 12.80
CA ALA A 344 -10.25 -8.39 13.40
C ALA A 344 -10.28 -9.53 12.40
N TYR A 345 -11.40 -9.71 11.71
CA TYR A 345 -11.52 -10.83 10.79
C TYR A 345 -10.53 -10.72 9.65
N TYR A 346 -10.43 -9.53 9.04
CA TYR A 346 -9.57 -9.32 7.90
C TYR A 346 -8.12 -9.63 8.25
N VAL A 347 -7.66 -9.10 9.40
CA VAL A 347 -6.27 -9.34 9.81
C VAL A 347 -6.03 -10.82 10.13
N ARG A 348 -6.96 -11.48 10.82
CA ARG A 348 -6.74 -12.91 11.10
C ARG A 348 -6.79 -13.75 9.82
N ALA A 349 -7.76 -13.48 8.95
CA ALA A 349 -7.83 -14.20 7.69
C ALA A 349 -6.51 -14.10 6.93
N ALA A 350 -5.94 -12.91 6.90
CA ALA A 350 -4.65 -12.72 6.23
C ALA A 350 -3.54 -13.48 6.94
N ARG A 351 -3.45 -13.34 8.26
CA ARG A 351 -2.35 -13.95 8.98
C ARG A 351 -2.42 -15.45 8.88
N ALA A 352 -3.62 -16.03 8.90
CA ALA A 352 -3.77 -17.46 8.76
C ALA A 352 -3.23 -17.96 7.42
N ARG A 353 -3.15 -17.09 6.43
CA ARG A 353 -2.65 -17.40 5.10
C ARG A 353 -1.25 -16.81 4.87
N GLY A 354 -0.60 -16.34 5.92
CA GLY A 354 0.77 -15.88 5.85
C GLY A 354 0.95 -14.47 5.35
N ILE A 355 -0.13 -13.68 5.31
CA ILE A 355 -0.11 -12.36 4.69
C ILE A 355 -0.21 -11.28 5.77
N THR A 356 0.55 -10.21 5.59
CA THR A 356 0.49 -9.03 6.45
C THR A 356 -0.22 -7.88 5.74
N CYS A 357 -0.97 -7.09 6.52
CA CYS A 357 -1.84 -6.04 6.03
C CYS A 357 -1.45 -4.67 6.59
N CYS A 358 -1.79 -3.61 5.84
CA CYS A 358 -1.58 -2.23 6.28
C CYS A 358 -2.87 -1.41 6.14
N TRP A 359 -3.34 -0.86 7.26
CA TRP A 359 -4.53 -0.02 7.24
C TRP A 359 -4.26 1.36 6.64
N TRP A 360 -5.21 1.84 5.84
CA TRP A 360 -5.13 3.16 5.20
C TRP A 360 -5.65 4.21 6.19
N ASP A 361 -4.75 4.96 6.82
CA ASP A 361 -5.15 5.99 7.79
C ASP A 361 -4.88 7.36 7.18
N ASN A 362 -5.93 7.98 6.65
CA ASN A 362 -5.83 9.26 5.98
C ASN A 362 -6.19 10.45 6.87
N ASN A 363 -6.25 10.26 8.19
CA ASN A 363 -6.56 11.33 9.13
C ASN A 363 -7.90 12.02 8.86
N ALA A 364 -8.82 11.32 8.21
CA ALA A 364 -10.13 11.87 7.89
C ALA A 364 -11.20 11.18 8.76
N PHE A 365 -11.99 11.99 9.48
CA PHE A 365 -12.93 11.47 10.47
C PHE A 365 -14.37 11.90 10.25
N TYR A 366 -14.59 13.07 9.68
CA TYR A 366 -15.93 13.58 9.47
C TYR A 366 -15.98 14.36 8.16
N GLY A 367 -17.20 14.53 7.65
CA GLY A 367 -17.43 15.17 6.37
C GLY A 367 -17.69 14.16 5.27
N ASN A 368 -17.81 14.69 4.06
CA ASN A 368 -18.21 13.89 2.90
C ASN A 368 -17.08 13.09 2.29
N GLY A 369 -15.88 13.14 2.87
CA GLY A 369 -14.76 12.42 2.33
C GLY A 369 -14.72 10.98 2.82
N GLU A 370 -13.62 10.32 2.48
CA GLU A 370 -13.40 8.92 2.85
C GLU A 370 -12.84 8.88 4.26
N ASN A 371 -13.67 8.53 5.23
CA ASN A 371 -13.29 8.71 6.63
C ASN A 371 -12.69 7.42 7.18
N PHE A 372 -11.42 7.23 6.83
CA PHE A 372 -10.64 6.06 7.19
C PHE A 372 -9.74 6.30 8.40
N GLY A 373 -9.80 7.48 9.01
CA GLY A 373 -8.85 7.83 10.05
C GLY A 373 -9.02 6.95 11.28
N LEU A 374 -7.87 6.67 11.92
CA LEU A 374 -7.81 6.05 13.24
C LEU A 374 -7.12 6.95 14.26
N LEU A 375 -5.96 7.47 13.92
CA LEU A 375 -5.20 8.36 14.78
C LEU A 375 -5.57 9.82 14.46
N ASP A 376 -6.04 10.56 15.47
CA ASP A 376 -6.21 12.01 15.31
C ASP A 376 -4.81 12.63 15.42
N ARG A 377 -4.25 13.02 14.29
CA ARG A 377 -2.84 13.42 14.29
C ARG A 377 -2.60 14.70 15.10
N LYS A 378 -3.58 15.61 15.18
CA LYS A 378 -3.35 16.86 15.89
C LYS A 378 -3.20 16.65 17.39
N THR A 379 -3.92 15.66 17.96
CA THR A 379 -3.87 15.40 19.40
C THR A 379 -3.06 14.18 19.75
N LEU A 380 -2.75 13.35 18.76
CA LEU A 380 -2.10 12.04 18.94
C LEU A 380 -2.94 11.11 19.80
N LYS A 381 -4.25 11.31 19.76
CA LYS A 381 -5.19 10.39 20.40
C LYS A 381 -5.81 9.46 19.37
N TRP A 382 -6.00 8.21 19.77
CA TRP A 382 -6.69 7.27 18.88
C TRP A 382 -8.19 7.50 19.00
N VAL A 383 -8.82 7.80 17.86
CA VAL A 383 -10.27 8.00 17.85
C VAL A 383 -10.99 6.67 17.94
N TYR A 384 -10.42 5.64 17.32
CA TYR A 384 -11.03 4.31 17.24
C TYR A 384 -10.03 3.28 17.79
N PRO A 385 -9.69 3.37 19.07
CA PRO A 385 -8.77 2.37 19.63
C PRO A 385 -9.32 0.95 19.54
N GLU A 386 -10.64 0.80 19.47
CA GLU A 386 -11.23 -0.53 19.36
C GLU A 386 -10.84 -1.21 18.05
N ILE A 387 -10.76 -0.45 16.96
CA ILE A 387 -10.34 -1.01 15.68
C ILE A 387 -8.88 -1.42 15.76
N VAL A 388 -8.04 -0.57 16.36
CA VAL A 388 -6.63 -0.90 16.49
C VAL A 388 -6.46 -2.15 17.33
N SER A 389 -7.15 -2.22 18.47
CA SER A 389 -7.04 -3.38 19.35
C SER A 389 -7.53 -4.64 18.66
N ALA A 390 -8.58 -4.50 17.85
CA ALA A 390 -9.10 -5.65 17.10
C ALA A 390 -8.05 -6.22 16.17
N MET A 391 -7.31 -5.34 15.50
CA MET A 391 -6.26 -5.80 14.60
C MET A 391 -5.11 -6.39 15.39
N MET A 392 -4.75 -5.76 16.51
CA MET A 392 -3.56 -6.22 17.23
C MET A 392 -3.77 -7.60 17.83
N LYS A 393 -5.03 -7.93 18.16
CA LYS A 393 -5.33 -9.24 18.71
C LYS A 393 -4.92 -10.37 17.80
N TYR A 394 -4.98 -10.15 16.48
CA TYR A 394 -4.76 -11.22 15.50
C TYR A 394 -3.57 -10.97 14.58
N ALA A 395 -2.83 -9.87 14.73
CA ALA A 395 -1.77 -9.55 13.77
C ALA A 395 -0.52 -10.40 13.90
N ARG A 396 -0.14 -10.81 15.11
CA ARG A 396 1.13 -11.47 15.29
C ARG A 396 1.17 -12.78 14.52
C2 BGC B . -10.91 3.73 -5.27
C3 BGC B . -9.54 4.37 -5.01
C4 BGC B . -8.69 3.45 -4.13
C5 BGC B . -8.61 2.05 -4.77
C6 BGC B . -8.10 0.93 -3.87
C1 BGC B . -10.73 2.36 -5.91
O1 BGC B . -11.97 1.67 -6.09
O2 BGC B . -11.65 4.63 -6.11
O3 BGC B . -9.71 5.63 -4.35
O4 BGC B . -7.41 4.11 -4.07
O5 BGC B . -9.93 1.61 -5.02
O6 BGC B . -8.31 -0.36 -4.49
H2 BGC B . -11.37 3.63 -4.42
H3 BGC B . -9.09 4.51 -5.86
H4 BGC B . -9.07 3.39 -3.24
H5 BGC B . -8.11 2.09 -5.60
H61 BGC B . -7.16 1.06 -3.70
H62 BGC B . -8.58 0.96 -3.03
H1 BGC B . -10.27 2.46 -6.76
HO1 BGC B . -12.17 1.51 -6.90
HO2 BGC B . -12.35 4.96 -5.74
HO3 BGC B . -9.80 6.28 -4.89
HO6 BGC B . -9.12 -0.56 -4.64
C2 BGC B . -5.33 4.65 -3.06
C3 BGC B . -5.37 5.65 -1.91
C4 BGC B . -6.83 5.96 -1.64
C5 BGC B . -7.38 4.70 -0.97
C6 BGC B . -8.87 4.84 -0.63
C1 BGC B . -6.51 3.65 -3.05
O2 BGC B . -4.07 3.98 -3.08
O3 BGC B . -4.65 6.80 -2.34
O4 BGC B . -6.88 7.05 -0.72
O5 BGC B . -7.20 3.55 -1.80
O6 BGC B . -9.68 5.29 -1.73
H2 BGC B . -5.41 5.16 -3.88
H3 BGC B . -4.95 5.27 -1.12
H4 BGC B . -7.30 6.17 -2.46
H5 BGC B . -6.90 4.56 -0.15
H61 BGC B . -8.97 5.48 0.10
H62 BGC B . -9.20 3.98 -0.34
H1 BGC B . -6.18 2.77 -3.29
HO2 BGC B . -4.03 3.32 -3.62
HO3 BGC B . -4.17 7.16 -1.74
HO6 BGC B . -10.11 6.00 -1.59
C2 BGC B . -8.09 8.89 0.17
C3 BGC B . -9.02 10.04 -0.20
C4 BGC B . -8.38 10.87 -1.32
C5 BGC B . -7.99 9.96 -2.50
C6 BGC B . -7.24 10.70 -3.58
C1 BGC B . -7.79 8.07 -1.08
O2 BGC B . -8.72 8.09 1.16
O3 BGC B . -9.21 10.83 0.97
O4 BGC B . -9.39 11.76 -1.81
O5 BGC B . -7.15 8.93 -2.04
O6 BGC B . -7.13 9.85 -4.75
H2 BGC B . -7.26 9.25 0.52
H3 BGC B . -9.87 9.68 -0.51
H4 BGC B . -7.61 11.35 -1.00
H5 BGC B . -8.79 9.56 -2.88
H61 BGC B . -7.72 11.52 -3.82
H62 BGC B . -6.35 10.93 -3.27
H1 BGC B . -8.60 7.70 -1.45
HO2 BGC B . -9.46 7.74 0.91
HO3 BGC B . -9.83 11.41 0.90
HO6 BGC B . -7.34 10.24 -5.48
C2 BGC B . -10.07 13.86 -2.68
C3 BGC B . -9.78 15.36 -2.74
C4 BGC B . -9.65 15.86 -1.33
C5 BGC B . -8.62 15.01 -0.55
C6 BGC B . -8.45 15.51 0.87
C1 BGC B . -9.03 13.12 -1.83
O2 BGC B . -10.03 13.39 -4.02
O3 BGC B . -10.88 16.03 -3.40
O4 BGC B . -9.20 17.21 -1.42
O5 BGC B . -9.09 13.66 -0.52
O6 BGC B . -9.71 15.42 1.51
H2 BGC B . -10.95 13.71 -2.31
H3 BGC B . -8.96 15.52 -3.23
H4 BGC B . -10.50 15.83 -0.88
H5 BGC B . -7.77 15.03 -1.01
H61 BGC B . -7.80 14.97 1.33
H62 BGC B . -8.16 16.43 0.86
H1 BGC B . -8.13 13.24 -2.20
HO2 BGC B . -9.32 13.58 -4.44
HO3 BGC B . -10.86 15.98 -4.24
HO4 BGC B . -8.42 17.30 -1.73
HO6 BGC B . -9.82 15.97 2.14
C1 GOL C . -11.21 -2.22 -3.69
O1 GOL C . -9.89 -2.37 -3.19
C2 GOL C . -11.43 -3.29 -4.73
O2 GOL C . -10.68 -4.40 -4.28
C3 GOL C . -12.92 -3.63 -4.77
O3 GOL C . -13.30 -3.82 -6.10
H11 GOL C . -11.94 -2.31 -2.88
H12 GOL C . -11.33 -1.24 -4.14
HO1 GOL C . -9.69 -1.66 -2.57
H2 GOL C . -11.10 -2.95 -5.71
HO2 GOL C . -10.97 -4.66 -3.38
H31 GOL C . -13.11 -4.54 -4.19
H32 GOL C . -13.49 -2.82 -4.32
HO3 GOL C . -13.30 -2.95 -6.57
#